data_7VEV
#
_entry.id   7VEV
#
_cell.length_a   49.060
_cell.length_b   54.210
_cell.length_c   57.012
_cell.angle_alpha   75.859
_cell.angle_beta   66.897
_cell.angle_gamma   87.947
#
_symmetry.space_group_name_H-M   'P 1'
#
loop_
_entity.id
_entity.type
_entity.pdbx_description
1 polymer SPH1118
2 non-polymer 'CALCIUM ION'
3 non-polymer '2-(N-MORPHOLINO)-ETHANESULFONIC ACID'
4 water water
#
_entity_poly.entity_id   1
_entity_poly.type   'polypeptide(L)'
_entity_poly.pdbx_seq_one_letter_code
;AAFTQAPMLEQNKQLPPVDQRLPEKPLVIKPIASNGVYGGTLRTVMRGNADGNGILRTIGPQGLTHWTQDIQTVEPYVAE
SYTVSPDAMEYTFKLRKGMKWSDGTPFTADDIVFAMNDVVLNKEMFPQTPSAYLVGGKAPKVSKVDDYTVKFEFPAANLS
FPETLATPLGQHPTLYQKKYCSQFHPAYNKNVQAEFTKANVKDWPSLMRAKCSDIELPSRWSSTERPSIDPWLIKEPYGG
AVTRVVMERNPFYWQVDPTGKQLPYVDRIQYAVVSDLQAIILAATNGQYDIEARLLGSDVTSRPLMLKNQQKGGYKVFGQ
TSANANAAGLWLNQTTKNEKLRKYMTQHDFRQALSLAMDRDEINKVAWLGQAAPWQSGPFKESKWYNEKLATQYLKLDLA
QANQILDRLGLTKRDSDGYRTYPDGGRVSLDAIVMIDRQAMVQTLELIRRQWQKAGVELVIKGSERSLFYNRATANDYDI
SIDVFPGGLDATLNPRAYVAVHPLESRMSLEWAKWYLSGGKQGIEPNESMKKRMALYDQFVAAKTQSQALSLFKQILQIS
ADEFEVIGTVRPAVISSLHSLKLQNVNEKMPFGWPYATPSLSLPQQWYFSKLEHHHHHH
;
_entity_poly.pdbx_strand_id   A
#
loop_
_chem_comp.id
_chem_comp.type
_chem_comp.name
_chem_comp.formula
CA non-polymer 'CALCIUM ION' 'Ca 2'
MES non-polymer '2-(N-MORPHOLINO)-ETHANESULFONIC ACID' 'C6 H13 N O4 S'
#
# COMPACT_ATOMS: atom_id res chain seq x y z
N ALA A 2 39.11 2.27 -3.41
CA ALA A 2 38.65 2.63 -2.08
C ALA A 2 37.29 3.33 -2.14
N PHE A 3 36.49 3.16 -1.09
CA PHE A 3 35.22 3.85 -0.99
C PHE A 3 35.43 5.35 -0.88
N THR A 4 34.48 6.11 -1.41
CA THR A 4 34.48 7.56 -1.28
C THR A 4 33.13 8.00 -0.74
N GLN A 5 33.01 9.29 -0.41
CA GLN A 5 31.82 9.82 0.22
C GLN A 5 31.42 11.13 -0.45
N ALA A 6 30.19 11.53 -0.15
CA ALA A 6 29.67 12.81 -0.62
C ALA A 6 30.48 13.94 -0.02
N PRO A 7 30.79 14.98 -0.79
CA PRO A 7 31.47 16.15 -0.21
C PRO A 7 30.79 16.70 1.04
N MET A 8 29.45 16.63 1.12
CA MET A 8 28.73 17.12 2.30
C MET A 8 29.22 16.45 3.58
N LEU A 9 29.51 15.15 3.53
CA LEU A 9 29.95 14.42 4.72
C LEU A 9 31.39 14.73 5.09
N GLU A 10 32.20 15.16 4.12
CA GLU A 10 33.56 15.57 4.42
C GLU A 10 33.59 16.75 5.39
N GLN A 11 32.49 17.49 5.49
CA GLN A 11 32.42 18.68 6.33
C GLN A 11 32.31 18.39 7.82
N ASN A 12 31.95 17.17 8.20
CA ASN A 12 31.59 16.85 9.57
C ASN A 12 32.79 16.26 10.29
N LYS A 13 33.39 17.04 11.21
CA LYS A 13 34.56 16.60 11.94
C LYS A 13 34.27 15.49 12.94
N GLN A 14 33.01 15.24 13.28
CA GLN A 14 32.68 14.20 14.25
C GLN A 14 32.52 12.82 13.63
N LEU A 15 32.37 12.73 12.30
CA LEU A 15 32.07 11.45 11.68
C LEU A 15 33.33 10.59 11.57
N PRO A 16 33.20 9.27 11.72
CA PRO A 16 34.30 8.36 11.39
C PRO A 16 34.57 8.39 9.89
N PRO A 17 35.71 7.89 9.43
CA PRO A 17 35.96 7.82 7.99
C PRO A 17 34.95 6.90 7.31
N VAL A 18 34.82 7.06 5.99
CA VAL A 18 33.73 6.40 5.28
C VAL A 18 33.85 4.87 5.37
N ASP A 19 35.07 4.34 5.36
CA ASP A 19 35.22 2.89 5.48
C ASP A 19 34.78 2.37 6.84
N GLN A 20 34.74 3.22 7.87
CA GLN A 20 34.20 2.83 9.17
C GLN A 20 32.70 3.05 9.27
N ARG A 21 32.13 3.94 8.46
CA ARG A 21 30.69 4.15 8.46
C ARG A 21 29.95 3.08 7.66
N LEU A 22 30.55 2.59 6.58
CA LEU A 22 29.96 1.56 5.75
C LEU A 22 30.14 0.18 6.39
N PRO A 23 29.26 -0.77 6.06
CA PRO A 23 29.54 -2.18 6.38
C PRO A 23 30.81 -2.64 5.69
N GLU A 24 31.34 -3.77 6.17
CA GLU A 24 32.49 -4.35 5.48
C GLU A 24 32.16 -4.70 4.04
N LYS A 25 30.93 -5.17 3.79
CA LYS A 25 30.44 -5.46 2.45
C LYS A 25 29.16 -4.68 2.22
N PRO A 26 29.27 -3.42 1.78
CA PRO A 26 28.07 -2.65 1.47
C PRO A 26 27.34 -3.26 0.29
N LEU A 27 26.03 -3.02 0.23
CA LEU A 27 25.28 -3.39 -0.96
C LEU A 27 25.74 -2.51 -2.11
N VAL A 28 26.16 -3.12 -3.21
CA VAL A 28 26.53 -2.38 -4.40
C VAL A 28 25.28 -2.21 -5.26
N ILE A 29 24.84 -0.97 -5.43
CA ILE A 29 23.69 -0.66 -6.26
C ILE A 29 24.15 -0.48 -7.69
N LYS A 30 23.46 -1.13 -8.63
CA LYS A 30 23.75 -0.97 -10.05
C LYS A 30 22.74 0.03 -10.61
N PRO A 31 23.15 1.26 -10.96
CA PRO A 31 22.17 2.26 -11.37
C PRO A 31 21.33 1.85 -12.57
N ILE A 32 20.17 2.52 -12.67
CA ILE A 32 19.18 2.23 -13.71
C ILE A 32 19.75 2.54 -15.09
N ALA A 33 20.47 3.66 -15.23
CA ALA A 33 20.98 4.10 -16.52
C ALA A 33 22.46 4.43 -16.52
N SER A 34 22.95 5.14 -15.51
CA SER A 34 24.34 5.60 -15.56
C SER A 34 24.86 5.81 -14.15
N ASN A 35 26.16 5.60 -13.97
CA ASN A 35 26.80 5.98 -12.72
C ASN A 35 26.67 7.48 -12.52
N GLY A 36 26.39 7.89 -11.29
CA GLY A 36 25.96 9.24 -11.01
C GLY A 36 27.03 10.14 -10.40
N VAL A 37 26.58 11.34 -10.03
CA VAL A 37 27.40 12.41 -9.48
C VAL A 37 26.70 12.94 -8.25
N TYR A 38 27.47 13.28 -7.22
CA TYR A 38 26.90 13.79 -5.98
C TYR A 38 26.30 15.18 -6.14
N GLY A 39 25.27 15.46 -5.34
CA GLY A 39 24.83 16.82 -5.13
C GLY A 39 23.37 17.05 -5.40
N GLY A 40 22.85 18.15 -4.87
CA GLY A 40 21.52 18.60 -5.23
C GLY A 40 20.48 18.30 -4.17
N THR A 41 19.34 18.95 -4.35
CA THR A 41 18.17 18.78 -3.50
C THR A 41 17.03 18.35 -4.40
N LEU A 42 16.45 17.18 -4.10
CA LEU A 42 15.29 16.70 -4.83
C LEU A 42 14.05 17.39 -4.28
N ARG A 43 13.28 18.03 -5.17
CA ARG A 43 12.04 18.70 -4.79
C ARG A 43 10.85 17.82 -5.12
N THR A 44 9.99 17.57 -4.14
CA THR A 44 8.78 16.79 -4.40
C THR A 44 7.67 17.32 -3.50
N VAL A 45 6.61 16.53 -3.30
CA VAL A 45 5.38 17.06 -2.73
C VAL A 45 4.64 15.96 -1.99
N MET A 46 3.94 16.35 -0.93
CA MET A 46 3.03 15.49 -0.19
C MET A 46 1.84 16.33 0.26
N ARG A 47 0.81 15.67 0.76
CA ARG A 47 -0.35 16.36 1.31
C ARG A 47 -0.18 16.57 2.81
N GLY A 48 -1.11 17.34 3.38
CA GLY A 48 -0.99 17.80 4.74
C GLY A 48 -1.51 16.87 5.83
N ASN A 49 -2.57 16.12 5.57
CA ASN A 49 -3.25 15.34 6.60
C ASN A 49 -2.80 13.88 6.54
N ALA A 50 -1.71 13.59 7.25
CA ALA A 50 -1.27 12.21 7.44
C ALA A 50 -1.02 11.52 6.10
N ASP A 51 -0.32 12.23 5.21
CA ASP A 51 0.17 11.69 3.93
C ASP A 51 1.62 11.21 4.05
N GLY A 52 2.01 10.68 5.21
CA GLY A 52 3.38 10.27 5.43
C GLY A 52 3.84 9.17 4.51
N ASN A 53 2.91 8.36 3.97
CA ASN A 53 3.30 7.37 2.96
C ASN A 53 3.94 8.02 1.74
N GLY A 54 3.71 9.32 1.54
CA GLY A 54 4.42 10.04 0.48
C GLY A 54 5.91 10.07 0.72
N ILE A 55 6.33 10.21 1.98
CA ILE A 55 7.76 10.11 2.30
C ILE A 55 8.24 8.69 2.11
N LEU A 56 7.49 7.71 2.61
CA LEU A 56 7.92 6.32 2.51
C LEU A 56 8.06 5.89 1.06
N ARG A 57 7.15 6.36 0.20
CA ARG A 57 7.16 5.99 -1.21
C ARG A 57 8.16 6.80 -2.01
N THR A 58 8.75 7.84 -1.44
CA THR A 58 9.87 8.55 -2.05
C THR A 58 11.21 7.92 -1.68
N ILE A 59 11.44 7.63 -0.40
CA ILE A 59 12.75 7.16 0.03
C ILE A 59 12.89 5.64 0.01
N GLY A 60 11.78 4.92 0.15
CA GLY A 60 11.78 3.47 0.05
C GLY A 60 11.82 2.78 1.40
N PRO A 61 10.97 1.78 1.59
CA PRO A 61 11.16 0.87 2.73
C PRO A 61 12.52 0.18 2.61
N GLN A 62 13.25 0.13 3.71
CA GLN A 62 14.57 -0.52 3.72
C GLN A 62 14.40 -1.90 4.36
N GLY A 63 13.86 -2.85 3.57
CA GLY A 63 13.53 -4.15 4.09
C GLY A 63 14.63 -5.19 3.94
N LEU A 64 14.37 -6.37 4.52
CA LEU A 64 15.34 -7.46 4.44
C LEU A 64 15.59 -7.89 2.99
N THR A 65 14.55 -7.83 2.16
CA THR A 65 14.60 -8.08 0.72
C THR A 65 14.04 -6.86 0.00
N HIS A 66 14.22 -6.83 -1.31
CA HIS A 66 13.76 -5.71 -2.14
C HIS A 66 13.36 -6.25 -3.50
N TRP A 67 12.30 -5.67 -4.07
CA TRP A 67 11.86 -6.05 -5.40
C TRP A 67 12.93 -5.74 -6.45
N THR A 68 13.03 -6.60 -7.45
CA THR A 68 13.69 -6.20 -8.69
C THR A 68 12.78 -5.23 -9.45
N GLN A 69 13.39 -4.54 -10.43
CA GLN A 69 12.64 -3.52 -11.16
C GLN A 69 11.45 -4.11 -11.91
N ASP A 70 11.53 -5.37 -12.33
CA ASP A 70 10.44 -6.01 -13.05
C ASP A 70 9.41 -6.67 -12.13
N ILE A 71 9.56 -6.49 -10.81
CA ILE A 71 8.64 -6.92 -9.74
C ILE A 71 8.29 -8.40 -9.79
N GLN A 72 9.10 -9.19 -10.48
CA GLN A 72 8.85 -10.62 -10.51
C GLN A 72 9.47 -11.34 -9.33
N THR A 73 10.59 -10.86 -8.81
CA THR A 73 11.29 -11.53 -7.73
C THR A 73 11.86 -10.50 -6.78
N VAL A 74 12.43 -11.00 -5.68
CA VAL A 74 13.11 -10.16 -4.71
C VAL A 74 14.55 -10.64 -4.58
N GLU A 75 15.39 -9.76 -4.05
CA GLU A 75 16.79 -10.04 -3.81
C GLU A 75 17.12 -9.60 -2.39
N PRO A 76 18.18 -10.16 -1.80
CA PRO A 76 18.60 -9.68 -0.47
C PRO A 76 18.90 -8.19 -0.55
N TYR A 77 18.46 -7.46 0.47
CA TYR A 77 18.61 -6.01 0.47
C TYR A 77 19.36 -5.60 1.73
N VAL A 78 18.66 -5.38 2.84
CA VAL A 78 19.36 -5.17 4.11
C VAL A 78 20.21 -6.38 4.44
N ALA A 79 19.66 -7.57 4.27
CA ALA A 79 20.42 -8.80 4.44
C ALA A 79 21.44 -8.93 3.31
N GLU A 80 22.64 -9.36 3.66
CA GLU A 80 23.64 -9.69 2.65
C GLU A 80 23.17 -10.89 1.82
N SER A 81 22.57 -11.87 2.47
CA SER A 81 22.08 -13.07 1.81
C SER A 81 21.06 -13.72 2.74
N TYR A 82 20.34 -14.69 2.21
CA TYR A 82 19.50 -15.52 3.07
C TYR A 82 19.41 -16.92 2.49
N THR A 83 19.11 -17.87 3.38
CA THR A 83 18.83 -19.23 2.98
C THR A 83 17.39 -19.56 3.29
N VAL A 84 16.80 -20.44 2.48
CA VAL A 84 15.50 -21.02 2.76
C VAL A 84 15.67 -22.52 2.87
N SER A 85 15.09 -23.10 3.91
CA SER A 85 15.21 -24.53 4.10
C SER A 85 14.45 -25.26 2.99
N PRO A 86 14.84 -26.50 2.69
CA PRO A 86 14.09 -27.29 1.69
C PRO A 86 12.58 -27.33 1.93
N ASP A 87 12.16 -27.44 3.19
CA ASP A 87 10.73 -27.46 3.50
C ASP A 87 10.08 -26.08 3.54
N ALA A 88 10.85 -25.02 3.27
CA ALA A 88 10.36 -23.64 3.18
C ALA A 88 9.81 -23.10 4.51
N MET A 89 10.14 -23.74 5.63
CA MET A 89 9.69 -23.26 6.91
C MET A 89 10.70 -22.35 7.60
N GLU A 90 11.97 -22.42 7.24
CA GLU A 90 13.00 -21.65 7.93
C GLU A 90 13.70 -20.72 6.96
N TYR A 91 13.75 -19.44 7.32
CA TYR A 91 14.51 -18.43 6.59
C TYR A 91 15.58 -17.88 7.51
N THR A 92 16.83 -17.94 7.07
CA THR A 92 17.95 -17.47 7.87
C THR A 92 18.62 -16.33 7.12
N PHE A 93 18.68 -15.17 7.75
CA PHE A 93 19.18 -13.95 7.11
C PHE A 93 20.56 -13.62 7.66
N LYS A 94 21.52 -13.49 6.76
CA LYS A 94 22.85 -13.03 7.13
C LYS A 94 22.93 -11.53 6.92
N LEU A 95 23.30 -10.81 7.96
CA LEU A 95 23.34 -9.36 7.95
C LEU A 95 24.75 -8.88 7.60
N ARG A 96 24.85 -7.59 7.30
CA ARG A 96 26.10 -7.00 6.83
C ARG A 96 26.93 -6.57 8.04
N LYS A 97 27.98 -7.32 8.33
CA LYS A 97 28.85 -6.98 9.44
C LYS A 97 29.38 -5.56 9.27
N GLY A 98 29.32 -4.76 10.33
CA GLY A 98 29.78 -3.40 10.29
C GLY A 98 28.73 -2.38 9.94
N MET A 99 27.55 -2.81 9.51
CA MET A 99 26.48 -1.88 9.19
C MET A 99 26.06 -1.14 10.45
N LYS A 100 25.71 0.13 10.29
CA LYS A 100 25.37 0.99 11.40
C LYS A 100 24.04 1.68 11.14
N TRP A 101 23.39 2.08 12.24
CA TRP A 101 22.25 2.96 12.22
C TRP A 101 22.69 4.38 11.89
N SER A 102 21.70 5.25 11.67
CA SER A 102 21.97 6.65 11.36
C SER A 102 22.73 7.37 12.47
N ASP A 103 22.71 6.83 13.69
CA ASP A 103 23.46 7.42 14.81
C ASP A 103 24.85 6.80 14.98
N GLY A 104 25.26 5.93 14.07
CA GLY A 104 26.59 5.36 14.14
C GLY A 104 26.72 4.13 15.01
N THR A 105 25.64 3.70 15.65
CA THR A 105 25.71 2.52 16.50
C THR A 105 25.43 1.27 15.66
N PRO A 106 25.80 0.08 16.16
CA PRO A 106 25.72 -1.12 15.33
C PRO A 106 24.30 -1.54 15.00
N PHE A 107 24.11 -1.94 13.75
CA PHE A 107 22.89 -2.60 13.29
C PHE A 107 23.17 -4.11 13.31
N THR A 108 22.47 -4.84 14.17
CA THR A 108 22.77 -6.25 14.37
C THR A 108 21.49 -7.06 14.48
N ALA A 109 21.66 -8.38 14.62
CA ALA A 109 20.52 -9.28 14.81
C ALA A 109 19.68 -8.89 16.03
N ASP A 110 20.29 -8.26 17.05
CA ASP A 110 19.54 -7.83 18.22
C ASP A 110 18.40 -6.90 17.84
N ASP A 111 18.60 -6.05 16.82
CA ASP A 111 17.57 -5.11 16.41
C ASP A 111 16.41 -5.83 15.74
N ILE A 112 16.70 -6.83 14.91
CA ILE A 112 15.64 -7.54 14.20
C ILE A 112 14.84 -8.39 15.18
N VAL A 113 15.52 -9.03 16.13
CA VAL A 113 14.83 -9.84 17.13
C VAL A 113 13.98 -8.96 18.03
N PHE A 114 14.47 -7.77 18.38
CA PHE A 114 13.67 -6.84 19.17
C PHE A 114 12.43 -6.41 18.39
N ALA A 115 12.62 -6.02 17.13
CA ALA A 115 11.50 -5.59 16.30
C ALA A 115 10.43 -6.67 16.21
N MET A 116 10.83 -7.92 16.02
CA MET A 116 9.85 -8.98 15.89
C MET A 116 9.25 -9.39 17.23
N ASN A 117 10.09 -9.71 18.21
CA ASN A 117 9.59 -10.34 19.42
C ASN A 117 9.04 -9.34 20.44
N ASP A 118 9.59 -8.13 20.48
CA ASP A 118 9.16 -7.15 21.48
C ASP A 118 8.18 -6.13 20.94
N VAL A 119 8.03 -6.03 19.62
CA VAL A 119 7.11 -5.06 19.03
C VAL A 119 6.02 -5.79 18.24
N VAL A 120 6.39 -6.36 17.09
CA VAL A 120 5.41 -6.93 16.16
C VAL A 120 4.59 -8.01 16.86
N LEU A 121 5.25 -8.94 17.53
CA LEU A 121 4.59 -10.08 18.14
C LEU A 121 4.15 -9.81 19.57
N ASN A 122 4.29 -8.58 20.05
CA ASN A 122 3.80 -8.21 21.38
C ASN A 122 2.32 -7.90 21.28
N LYS A 123 1.50 -8.63 22.04
CA LYS A 123 0.05 -8.53 21.92
C LYS A 123 -0.52 -7.27 22.52
N GLU A 124 0.20 -6.60 23.42
CA GLU A 124 -0.28 -5.30 23.87
C GLU A 124 -0.03 -4.24 22.80
N MET A 125 1.10 -4.34 22.11
CA MET A 125 1.41 -3.43 21.00
C MET A 125 0.49 -3.69 19.81
N PHE A 126 0.34 -4.95 19.41
CA PHE A 126 -0.49 -5.35 18.27
C PHE A 126 -1.41 -6.48 18.71
N PRO A 127 -2.62 -6.17 19.17
CA PRO A 127 -3.54 -7.22 19.64
C PRO A 127 -3.77 -8.35 18.63
N GLN A 128 -3.89 -8.02 17.36
CA GLN A 128 -3.77 -9.02 16.30
C GLN A 128 -2.48 -8.76 15.53
N THR A 129 -1.63 -9.78 15.44
CA THR A 129 -0.35 -9.63 14.78
C THR A 129 -0.58 -9.32 13.30
N PRO A 130 0.18 -8.39 12.72
CA PRO A 130 0.08 -8.16 11.28
C PRO A 130 0.27 -9.47 10.51
N SER A 131 -0.63 -9.73 9.56
CA SER A 131 -0.64 -11.01 8.90
C SER A 131 0.57 -11.21 8.00
N ALA A 132 1.31 -10.14 7.69
CA ALA A 132 2.54 -10.26 6.92
C ALA A 132 3.46 -11.32 7.51
N TYR A 133 3.42 -11.52 8.81
CA TYR A 133 4.37 -12.40 9.49
C TYR A 133 3.76 -13.74 9.89
N LEU A 134 2.53 -14.03 9.48
CA LEU A 134 1.81 -15.21 9.94
C LEU A 134 1.60 -16.23 8.83
N VAL A 135 1.49 -17.49 9.23
CA VAL A 135 0.99 -18.57 8.38
C VAL A 135 -0.18 -19.22 9.10
N GLY A 136 -1.35 -19.14 8.50
CA GLY A 136 -2.55 -19.68 9.15
C GLY A 136 -2.78 -19.12 10.53
N GLY A 137 -2.47 -17.83 10.72
CA GLY A 137 -2.62 -17.20 12.01
C GLY A 137 -1.53 -17.49 13.02
N LYS A 138 -0.52 -18.28 12.66
CA LYS A 138 0.54 -18.63 13.60
C LYS A 138 1.82 -17.86 13.29
N ALA A 139 2.48 -17.45 14.32
CA ALA A 139 3.66 -16.62 14.27
C ALA A 139 4.93 -17.46 14.11
N PRO A 140 5.97 -16.90 13.51
CA PRO A 140 7.26 -17.59 13.49
C PRO A 140 7.97 -17.43 14.82
N LYS A 141 8.87 -18.37 15.07
CA LYS A 141 9.87 -18.21 16.11
C LYS A 141 11.04 -17.46 15.50
N VAL A 142 11.33 -16.28 16.05
CA VAL A 142 12.41 -15.43 15.54
C VAL A 142 13.52 -15.44 16.57
N SER A 143 14.74 -15.80 16.14
CA SER A 143 15.82 -15.98 17.07
C SER A 143 17.12 -15.41 16.51
N LYS A 144 17.99 -14.99 17.42
CA LYS A 144 19.34 -14.59 17.05
C LYS A 144 20.22 -15.83 16.99
N VAL A 145 20.88 -16.02 15.85
CA VAL A 145 21.87 -17.09 15.74
C VAL A 145 23.24 -16.61 16.19
N ASP A 146 23.68 -15.48 15.63
CA ASP A 146 24.82 -14.71 16.15
C ASP A 146 24.56 -13.24 15.87
N ASP A 147 25.55 -12.39 16.14
CA ASP A 147 25.35 -10.94 16.00
C ASP A 147 24.88 -10.55 14.61
N TYR A 148 25.18 -11.34 13.58
CA TYR A 148 24.84 -10.96 12.22
C TYR A 148 24.02 -12.02 11.50
N THR A 149 23.27 -12.82 12.26
CA THR A 149 22.44 -13.87 11.66
C THR A 149 21.16 -14.02 12.46
N VAL A 150 20.02 -13.93 11.78
CA VAL A 150 18.72 -14.04 12.41
C VAL A 150 17.88 -15.08 11.67
N LYS A 151 17.16 -15.89 12.41
CA LYS A 151 16.36 -16.97 11.85
C LYS A 151 14.88 -16.73 12.12
N PHE A 152 14.06 -16.92 11.08
CA PHE A 152 12.61 -16.94 11.20
C PHE A 152 12.17 -18.39 10.93
N GLU A 153 11.55 -19.03 11.92
CA GLU A 153 11.10 -20.41 11.78
C GLU A 153 9.57 -20.47 11.87
N PHE A 154 8.93 -20.80 10.77
CA PHE A 154 7.47 -20.91 10.73
C PHE A 154 7.05 -22.34 11.01
N PRO A 155 5.80 -22.54 11.47
CA PRO A 155 5.32 -23.91 11.72
C PRO A 155 4.82 -24.64 10.48
N ALA A 156 4.80 -23.97 9.34
CA ALA A 156 4.45 -24.58 8.07
C ALA A 156 5.25 -23.84 7.00
N ALA A 157 5.24 -24.41 5.78
CA ALA A 157 5.92 -23.78 4.66
C ALA A 157 5.40 -22.36 4.46
N ASN A 158 6.29 -21.46 4.06
CA ASN A 158 5.90 -20.07 3.79
C ASN A 158 6.70 -19.56 2.58
N LEU A 159 6.30 -20.00 1.39
CA LEU A 159 7.03 -19.68 0.17
C LEU A 159 6.99 -18.20 -0.16
N SER A 160 5.97 -17.48 0.28
CA SER A 160 5.78 -16.09 -0.11
C SER A 160 6.42 -15.10 0.85
N PHE A 161 7.13 -15.58 1.87
CA PHE A 161 7.73 -14.67 2.83
C PHE A 161 8.74 -13.70 2.21
N PRO A 162 9.66 -14.11 1.33
CA PRO A 162 10.59 -13.12 0.76
C PRO A 162 9.87 -11.98 0.05
N GLU A 163 8.79 -12.29 -0.66
CA GLU A 163 8.01 -11.25 -1.33
C GLU A 163 7.37 -10.32 -0.30
N THR A 164 6.77 -10.89 0.75
CA THR A 164 6.18 -10.05 1.81
C THR A 164 7.22 -9.11 2.41
N LEU A 165 8.45 -9.61 2.60
CA LEU A 165 9.50 -8.80 3.20
C LEU A 165 9.91 -7.62 2.33
N ALA A 166 9.54 -7.61 1.05
CA ALA A 166 9.90 -6.55 0.12
C ALA A 166 8.82 -5.48 0.02
N THR A 167 7.66 -5.66 0.68
CA THR A 167 6.58 -4.69 0.68
C THR A 167 6.71 -3.74 1.86
N PRO A 168 6.07 -2.58 1.80
CA PRO A 168 6.11 -1.66 2.96
C PRO A 168 5.64 -2.31 4.25
N LEU A 169 4.60 -3.13 4.17
CA LEU A 169 4.03 -3.75 5.36
C LEU A 169 4.89 -4.87 5.92
N GLY A 170 5.93 -5.29 5.21
CA GLY A 170 6.80 -6.32 5.74
C GLY A 170 8.12 -5.77 6.23
N GLN A 171 8.21 -4.46 6.45
CA GLN A 171 9.47 -3.82 6.82
C GLN A 171 9.69 -3.70 8.33
N HIS A 172 8.75 -4.11 9.16
CA HIS A 172 8.97 -4.03 10.61
C HIS A 172 10.31 -4.59 11.07
N PRO A 173 10.85 -5.69 10.53
CA PRO A 173 12.10 -6.22 11.07
C PRO A 173 13.26 -5.23 11.13
N THR A 174 13.28 -4.22 10.26
CA THR A 174 14.38 -3.27 10.20
C THR A 174 13.98 -1.87 10.64
N LEU A 175 12.81 -1.73 11.24
CA LEU A 175 12.27 -0.40 11.55
C LEU A 175 12.65 0.09 12.94
N TYR A 176 13.07 -0.79 13.84
CA TYR A 176 13.19 -0.45 15.26
C TYR A 176 14.61 -0.69 15.76
N GLN A 177 15.30 0.40 16.10
CA GLN A 177 16.60 0.26 16.78
C GLN A 177 16.35 -0.11 18.23
N LYS A 178 16.89 -1.25 18.66
CA LYS A 178 16.67 -1.71 20.02
C LYS A 178 17.11 -0.66 21.05
N LYS A 179 18.31 -0.09 20.87
CA LYS A 179 18.81 0.87 21.86
C LYS A 179 17.83 2.02 22.08
N TYR A 180 17.44 2.72 21.01
CA TYR A 180 16.55 3.86 21.17
C TYR A 180 15.16 3.41 21.63
N CYS A 181 14.60 2.40 20.96
CA CYS A 181 13.21 2.03 21.20
C CYS A 181 13.00 1.38 22.56
N SER A 182 14.01 0.70 23.09
CA SER A 182 13.86 0.04 24.39
C SER A 182 13.63 1.04 25.51
N GLN A 183 13.94 2.32 25.30
CA GLN A 183 13.64 3.34 26.30
C GLN A 183 12.15 3.47 26.54
N PHE A 184 11.33 3.04 25.59
CA PHE A 184 9.89 3.28 25.62
C PHE A 184 9.10 2.00 25.80
N HIS A 185 9.76 0.91 26.16
CA HIS A 185 9.15 -0.40 26.28
C HIS A 185 9.26 -0.89 27.73
N PRO A 186 8.16 -1.26 28.37
CA PRO A 186 8.21 -1.58 29.81
C PRO A 186 8.98 -2.84 30.14
N ALA A 187 9.19 -3.74 29.17
CA ALA A 187 10.05 -4.89 29.42
C ALA A 187 11.51 -4.47 29.57
N TYR A 188 11.85 -3.28 29.08
CA TYR A 188 13.21 -2.78 29.09
C TYR A 188 13.44 -1.64 30.05
N ASN A 189 12.43 -0.81 30.27
CA ASN A 189 12.58 0.42 31.04
C ASN A 189 11.47 0.48 32.10
N LYS A 190 11.82 0.20 33.34
CA LYS A 190 10.86 0.27 34.44
C LYS A 190 10.47 1.70 34.77
N ASN A 191 11.21 2.69 34.26
CA ASN A 191 10.84 4.08 34.43
C ASN A 191 10.08 4.63 33.22
N VAL A 192 9.40 3.74 32.48
CA VAL A 192 8.74 4.15 31.25
C VAL A 192 7.60 5.15 31.53
N GLN A 193 6.98 5.07 32.71
CA GLN A 193 5.88 6.00 32.99
C GLN A 193 6.35 7.44 33.02
N ALA A 194 7.61 7.68 33.38
CA ALA A 194 8.17 9.02 33.32
C ALA A 194 8.19 9.56 31.89
N GLU A 195 8.16 8.68 30.89
CA GLU A 195 8.13 9.12 29.50
C GLU A 195 6.73 9.48 29.03
N PHE A 196 5.68 9.12 29.78
CA PHE A 196 4.32 9.34 29.30
C PHE A 196 3.99 10.83 29.24
N THR A 197 4.31 11.58 30.29
CA THR A 197 3.93 12.99 30.33
C THR A 197 4.68 13.80 29.29
N LYS A 198 5.98 13.52 29.11
CA LYS A 198 6.75 14.25 28.10
C LYS A 198 6.25 13.97 26.68
N ALA A 199 5.59 12.83 26.46
CA ALA A 199 5.11 12.46 25.13
C ALA A 199 3.61 12.65 24.94
N ASN A 200 2.90 13.14 25.96
CA ASN A 200 1.46 13.39 25.88
C ASN A 200 0.66 12.13 25.58
N VAL A 201 1.05 11.02 26.19
CA VAL A 201 0.33 9.75 26.06
C VAL A 201 0.00 9.23 27.44
N LYS A 202 -0.83 8.19 27.48
CA LYS A 202 -1.27 7.61 28.75
C LYS A 202 -0.94 6.13 28.92
N ASP A 203 -0.40 5.46 27.90
CA ASP A 203 -0.09 4.05 28.00
C ASP A 203 1.11 3.76 27.11
N TRP A 204 1.77 2.63 27.39
CA TRP A 204 3.03 2.37 26.70
C TRP A 204 2.90 2.10 25.20
N PRO A 205 1.87 1.38 24.71
CA PRO A 205 1.76 1.22 23.26
C PRO A 205 1.60 2.55 22.54
N SER A 206 0.89 3.51 23.14
CA SER A 206 0.79 4.83 22.54
C SER A 206 2.12 5.56 22.58
N LEU A 207 2.87 5.39 23.67
CA LEU A 207 4.23 5.93 23.74
C LEU A 207 5.10 5.34 22.65
N MET A 208 5.07 4.02 22.49
N MET A 208 5.05 4.02 22.48
CA MET A 208 5.87 3.38 21.44
CA MET A 208 5.86 3.38 21.45
C MET A 208 5.49 3.89 20.06
C MET A 208 5.48 3.87 20.06
N ARG A 209 4.19 4.03 19.80
CA ARG A 209 3.76 4.52 18.50
C ARG A 209 4.22 5.96 18.28
N ALA A 210 4.18 6.79 19.33
CA ALA A 210 4.55 8.19 19.18
C ALA A 210 6.04 8.37 18.95
N LYS A 211 6.87 7.56 19.62
CA LYS A 211 8.32 7.73 19.57
C LYS A 211 9.00 6.85 18.53
N CYS A 212 8.58 5.58 18.43
CA CYS A 212 9.22 4.61 17.55
C CYS A 212 8.41 4.32 16.30
N SER A 213 7.10 4.54 16.35
CA SER A 213 6.23 4.56 15.19
C SER A 213 5.88 3.19 14.62
N ASP A 214 5.31 3.21 13.42
CA ASP A 214 4.83 2.04 12.69
C ASP A 214 4.87 2.41 11.21
N ILE A 215 4.55 1.44 10.34
CA ILE A 215 4.78 1.60 8.90
C ILE A 215 4.19 2.91 8.39
N GLU A 216 2.93 3.19 8.73
CA GLU A 216 2.15 4.24 8.10
C GLU A 216 1.73 5.35 9.06
N LEU A 217 2.32 5.41 10.24
CA LEU A 217 1.99 6.47 11.20
C LEU A 217 2.75 7.75 10.87
N PRO A 218 2.09 8.91 10.95
CA PRO A 218 2.81 10.17 10.73
C PRO A 218 3.99 10.36 11.67
N SER A 219 3.95 9.75 12.85
CA SER A 219 5.05 9.83 13.80
C SER A 219 6.34 9.23 13.25
N ARG A 220 6.26 8.41 12.19
CA ARG A 220 7.48 7.92 11.56
C ARG A 220 8.34 9.06 11.05
N TRP A 221 7.72 10.18 10.68
CA TRP A 221 8.45 11.25 10.01
C TRP A 221 8.42 12.55 10.79
N SER A 222 8.01 12.52 12.06
CA SER A 222 7.75 13.73 12.83
C SER A 222 8.81 14.03 13.88
N SER A 223 9.90 13.26 13.94
CA SER A 223 10.99 13.57 14.84
C SER A 223 12.32 13.45 14.11
N THR A 224 13.35 14.05 14.71
CA THR A 224 14.71 13.96 14.22
C THR A 224 15.58 13.01 15.03
N GLU A 225 15.06 12.46 16.14
CA GLU A 225 15.88 11.65 17.02
C GLU A 225 15.67 10.14 16.87
N ARG A 226 14.72 9.72 16.04
CA ARG A 226 14.39 8.32 15.84
C ARG A 226 15.37 7.71 14.83
N PRO A 227 16.24 6.80 15.25
CA PRO A 227 17.26 6.29 14.32
C PRO A 227 16.64 5.40 13.25
N SER A 228 17.27 5.41 12.08
CA SER A 228 16.84 4.55 10.99
C SER A 228 18.05 4.12 10.18
N ILE A 229 17.80 3.27 9.19
CA ILE A 229 18.82 2.90 8.21
C ILE A 229 18.42 3.43 6.84
N ASP A 230 17.67 4.54 6.82
CA ASP A 230 17.12 5.10 5.59
C ASP A 230 18.18 5.90 4.83
N PRO A 231 17.99 6.10 3.52
CA PRO A 231 18.99 6.85 2.75
C PRO A 231 19.06 8.32 3.13
N TRP A 232 17.94 8.92 3.53
CA TRP A 232 17.91 10.28 4.06
C TRP A 232 17.16 10.24 5.38
N LEU A 233 17.43 11.25 6.21
CA LEU A 233 16.94 11.32 7.58
C LEU A 233 16.15 12.62 7.75
N ILE A 234 15.09 12.58 8.56
CA ILE A 234 14.27 13.76 8.79
C ILE A 234 15.10 14.84 9.46
N LYS A 235 15.05 16.05 8.91
CA LYS A 235 15.72 17.22 9.46
C LYS A 235 14.72 18.28 9.86
N GLU A 236 13.77 18.59 8.99
CA GLU A 236 12.60 19.42 9.31
C GLU A 236 11.41 18.50 9.29
N PRO A 237 10.79 18.22 10.43
CA PRO A 237 9.86 17.09 10.53
C PRO A 237 8.47 17.36 9.97
N TYR A 238 7.81 16.26 9.62
CA TYR A 238 6.41 16.29 9.27
C TYR A 238 5.60 16.56 10.53
N GLY A 239 4.43 17.16 10.34
CA GLY A 239 3.56 17.50 11.45
C GLY A 239 2.21 17.87 10.93
N GLY A 240 1.30 18.16 11.88
CA GLY A 240 -0.08 18.40 11.52
C GLY A 240 -0.30 19.67 10.74
N ALA A 241 0.59 20.64 10.88
CA ALA A 241 0.42 21.93 10.22
C ALA A 241 1.76 22.52 9.81
N VAL A 242 2.47 21.82 8.93
CA VAL A 242 3.71 22.32 8.36
C VAL A 242 3.50 22.54 6.86
N THR A 243 4.40 23.33 6.27
CA THR A 243 4.35 23.58 4.84
C THR A 243 5.49 22.95 4.08
N ARG A 244 6.50 22.43 4.77
CA ARG A 244 7.53 21.67 4.10
C ARG A 244 8.17 20.68 5.07
N VAL A 245 8.72 19.62 4.48
CA VAL A 245 9.51 18.62 5.19
C VAL A 245 10.86 18.55 4.48
N VAL A 246 11.93 18.40 5.25
CA VAL A 246 13.27 18.31 4.66
C VAL A 246 13.97 17.10 5.25
N MET A 247 14.62 16.33 4.38
CA MET A 247 15.44 15.19 4.79
C MET A 247 16.83 15.35 4.18
N GLU A 248 17.85 14.90 4.93
CA GLU A 248 19.23 14.98 4.47
C GLU A 248 19.90 13.62 4.59
N ARG A 249 20.97 13.45 3.80
CA ARG A 249 21.59 12.15 3.63
C ARG A 249 22.00 11.54 4.98
N ASN A 250 21.84 10.22 5.08
CA ASN A 250 22.27 9.44 6.22
C ASN A 250 23.77 9.19 6.09
N PRO A 251 24.60 9.75 6.98
CA PRO A 251 26.05 9.52 6.88
C PRO A 251 26.44 8.07 7.05
N PHE A 252 25.57 7.24 7.61
CA PHE A 252 25.85 5.82 7.76
C PHE A 252 25.08 4.95 6.78
N TYR A 253 24.62 5.53 5.66
CA TYR A 253 23.97 4.69 4.67
C TYR A 253 24.92 3.60 4.20
N TRP A 254 24.35 2.44 3.89
CA TRP A 254 25.08 1.17 3.85
C TRP A 254 25.25 0.63 2.43
N GLN A 255 25.25 1.53 1.43
CA GLN A 255 25.29 1.14 0.03
C GLN A 255 26.29 2.01 -0.72
N VAL A 256 26.90 1.43 -1.75
CA VAL A 256 27.80 2.14 -2.65
C VAL A 256 27.38 1.89 -4.09
N ASP A 257 27.87 2.75 -4.99
CA ASP A 257 27.70 2.52 -6.42
C ASP A 257 28.87 1.69 -6.96
N PRO A 258 28.89 1.33 -8.25
CA PRO A 258 29.98 0.48 -8.75
C PRO A 258 31.35 1.12 -8.72
N THR A 259 31.46 2.43 -8.54
CA THR A 259 32.73 3.11 -8.40
C THR A 259 33.17 3.28 -6.95
N GLY A 260 32.35 2.82 -6.00
CA GLY A 260 32.68 2.91 -4.60
C GLY A 260 32.13 4.12 -3.87
N LYS A 261 31.28 4.92 -4.52
CA LYS A 261 30.71 6.10 -3.87
C LYS A 261 29.61 5.68 -2.90
N GLN A 262 29.74 6.09 -1.63
CA GLN A 262 28.64 5.89 -0.68
C GLN A 262 27.42 6.69 -1.11
N LEU A 263 26.29 6.00 -1.23
CA LEU A 263 25.04 6.63 -1.65
C LEU A 263 24.34 7.24 -0.46
N PRO A 264 23.29 8.07 -0.68
CA PRO A 264 22.71 8.50 -1.96
C PRO A 264 23.57 9.50 -2.71
N TYR A 265 23.26 9.73 -3.99
CA TYR A 265 23.93 10.80 -4.72
C TYR A 265 23.40 12.17 -4.28
N VAL A 266 22.08 12.30 -4.16
CA VAL A 266 21.43 13.57 -3.86
C VAL A 266 21.52 13.83 -2.36
N ASP A 267 21.88 15.05 -1.98
CA ASP A 267 22.12 15.37 -0.57
C ASP A 267 20.83 15.48 0.24
N ARG A 268 19.75 15.92 -0.39
CA ARG A 268 18.61 16.42 0.37
C ARG A 268 17.34 16.19 -0.41
N ILE A 269 16.25 15.94 0.31
CA ILE A 269 14.92 15.92 -0.29
C ILE A 269 14.07 16.96 0.43
N GLN A 270 13.39 17.80 -0.35
CA GLN A 270 12.46 18.78 0.18
C GLN A 270 11.06 18.42 -0.30
N TYR A 271 10.14 18.22 0.63
CA TYR A 271 8.74 17.98 0.31
C TYR A 271 7.93 19.24 0.59
N ALA A 272 7.32 19.80 -0.44
CA ALA A 272 6.27 20.77 -0.22
C ALA A 272 5.07 20.03 0.37
N VAL A 273 4.44 20.63 1.37
CA VAL A 273 3.25 20.06 1.98
C VAL A 273 2.07 20.93 1.57
N VAL A 274 1.21 20.38 0.73
CA VAL A 274 0.18 21.13 0.03
C VAL A 274 -1.17 20.48 0.29
N SER A 275 -2.17 21.31 0.58
CA SER A 275 -3.47 20.78 0.98
C SER A 275 -4.33 20.38 -0.21
N ASP A 276 -4.31 21.18 -1.28
CA ASP A 276 -5.23 21.02 -2.40
C ASP A 276 -4.52 20.44 -3.61
N LEU A 277 -5.11 19.41 -4.21
CA LEU A 277 -4.52 18.78 -5.38
C LEU A 277 -4.38 19.75 -6.55
N GLN A 278 -5.28 20.73 -6.65
CA GLN A 278 -5.17 21.71 -7.72
C GLN A 278 -3.88 22.52 -7.62
N ALA A 279 -3.44 22.82 -6.40
CA ALA A 279 -2.18 23.54 -6.23
C ALA A 279 -0.99 22.66 -6.59
N ILE A 280 -1.10 21.35 -6.37
CA ILE A 280 -0.04 20.42 -6.75
C ILE A 280 0.07 20.33 -8.27
N ILE A 281 -1.06 20.22 -8.96
CA ILE A 281 -1.09 20.25 -10.42
C ILE A 281 -0.37 21.49 -10.94
N LEU A 282 -0.75 22.66 -10.41
CA LEU A 282 -0.16 23.92 -10.85
C LEU A 282 1.35 23.95 -10.61
N ALA A 283 1.79 23.59 -9.40
CA ALA A 283 3.21 23.60 -9.10
C ALA A 283 3.96 22.61 -9.99
N ALA A 284 3.36 21.44 -10.23
CA ALA A 284 3.99 20.44 -11.07
C ALA A 284 4.14 20.95 -12.50
N THR A 285 3.08 21.53 -13.06
CA THR A 285 3.19 22.06 -14.42
C THR A 285 4.08 23.28 -14.49
N ASN A 286 4.24 24.03 -13.38
CA ASN A 286 5.20 25.11 -13.31
C ASN A 286 6.64 24.63 -13.19
N GLY A 287 6.87 23.33 -13.00
CA GLY A 287 8.22 22.81 -12.90
C GLY A 287 8.84 22.86 -11.52
N GLN A 288 8.03 22.96 -10.47
CA GLN A 288 8.57 23.07 -9.12
C GLN A 288 8.98 21.73 -8.52
N TYR A 289 8.67 20.61 -9.17
CA TYR A 289 8.98 19.30 -8.62
C TYR A 289 9.94 18.56 -9.54
N ASP A 290 10.97 17.95 -8.95
CA ASP A 290 11.86 17.09 -9.72
C ASP A 290 11.28 15.71 -9.94
N ILE A 291 10.36 15.26 -9.08
CA ILE A 291 9.64 14.02 -9.31
C ILE A 291 8.24 14.16 -8.70
N GLU A 292 7.24 13.71 -9.44
CA GLU A 292 5.92 13.49 -8.87
C GLU A 292 5.40 12.23 -9.54
N ALA A 293 5.26 11.17 -8.76
CA ALA A 293 4.90 9.87 -9.30
C ALA A 293 3.95 9.16 -8.36
N ARG A 294 3.05 9.91 -7.73
CA ARG A 294 2.16 9.31 -6.75
C ARG A 294 0.79 9.97 -6.68
N LEU A 295 0.75 11.31 -6.73
CA LEU A 295 -0.51 12.02 -6.48
C LEU A 295 -1.26 12.40 -7.73
N LEU A 296 -0.58 12.66 -8.85
CA LEU A 296 -1.26 13.22 -10.02
C LEU A 296 -1.63 12.19 -11.06
N GLY A 297 -1.11 10.98 -10.98
CA GLY A 297 -1.26 10.05 -12.09
C GLY A 297 -2.54 9.25 -12.13
N SER A 298 -3.19 9.09 -10.97
CA SER A 298 -4.34 8.19 -10.91
C SER A 298 -5.63 8.81 -11.42
N ASP A 299 -5.71 10.14 -11.49
CA ASP A 299 -6.84 10.84 -12.09
C ASP A 299 -6.39 11.23 -13.50
N VAL A 300 -6.87 10.49 -14.50
CA VAL A 300 -6.38 10.66 -15.86
C VAL A 300 -6.74 12.01 -16.45
N THR A 301 -7.67 12.75 -15.84
CA THR A 301 -7.97 14.10 -16.33
C THR A 301 -6.77 15.03 -16.18
N SER A 302 -5.82 14.71 -15.30
CA SER A 302 -4.62 15.53 -15.17
C SER A 302 -3.60 15.25 -16.27
N ARG A 303 -3.76 14.14 -17.01
CA ARG A 303 -2.75 13.76 -17.98
C ARG A 303 -2.58 14.76 -19.13
N PRO A 304 -3.64 15.26 -19.77
CA PRO A 304 -3.41 16.27 -20.82
C PRO A 304 -2.68 17.51 -20.31
N LEU A 305 -3.02 17.98 -19.11
CA LEU A 305 -2.34 19.14 -18.53
C LEU A 305 -0.87 18.85 -18.30
N MET A 306 -0.56 17.67 -17.77
CA MET A 306 0.84 17.31 -17.54
C MET A 306 1.60 17.24 -18.85
N LEU A 307 1.03 16.59 -19.86
CA LEU A 307 1.73 16.45 -21.13
C LEU A 307 1.97 17.81 -21.78
N LYS A 308 0.96 18.69 -21.75
CA LYS A 308 1.05 19.95 -22.48
C LYS A 308 2.14 20.84 -21.90
N ASN A 309 2.45 20.70 -20.62
CA ASN A 309 3.34 21.63 -19.93
C ASN A 309 4.74 21.07 -19.70
N GLN A 310 5.10 19.98 -20.39
CA GLN A 310 6.41 19.38 -20.19
C GLN A 310 7.55 20.35 -20.48
N GLN A 311 7.47 21.10 -21.59
CA GLN A 311 8.53 22.06 -21.88
C GLN A 311 8.53 23.18 -20.87
N LYS A 312 7.36 23.76 -20.61
CA LYS A 312 7.24 24.90 -19.71
C LYS A 312 7.77 24.58 -18.32
N GLY A 313 7.51 23.37 -17.83
CA GLY A 313 7.99 22.95 -16.54
C GLY A 313 9.31 22.22 -16.53
N GLY A 314 9.88 21.95 -17.70
CA GLY A 314 11.16 21.26 -17.78
C GLY A 314 11.15 19.85 -17.25
N TYR A 315 10.10 19.08 -17.54
CA TYR A 315 9.98 17.71 -17.08
C TYR A 315 9.55 16.80 -18.21
N LYS A 316 9.70 15.50 -17.98
CA LYS A 316 9.22 14.47 -18.89
C LYS A 316 8.13 13.65 -18.19
N VAL A 317 7.00 13.48 -18.87
CA VAL A 317 5.95 12.58 -18.39
C VAL A 317 6.31 11.16 -18.79
N PHE A 318 6.16 10.22 -17.85
CA PHE A 318 6.27 8.80 -18.16
C PHE A 318 5.04 8.09 -17.63
N GLY A 319 4.57 7.10 -18.40
CA GLY A 319 3.35 6.38 -18.07
C GLY A 319 3.69 5.05 -17.41
N GLN A 320 3.07 4.81 -16.27
CA GLN A 320 3.27 3.56 -15.54
C GLN A 320 2.02 2.72 -15.61
N THR A 321 2.21 1.40 -15.61
CA THR A 321 1.11 0.46 -15.56
C THR A 321 0.75 0.21 -14.11
N SER A 322 -0.50 0.50 -13.75
CA SER A 322 -0.93 0.26 -12.38
C SER A 322 -1.12 -1.22 -12.12
N ALA A 323 -0.69 -1.65 -10.93
CA ALA A 323 -0.91 -3.02 -10.49
C ALA A 323 -2.35 -3.28 -10.07
N ASN A 324 -3.16 -2.24 -9.89
CA ASN A 324 -4.54 -2.45 -9.44
C ASN A 324 -5.42 -2.99 -10.57
N ALA A 325 -6.29 -3.94 -10.22
CA ALA A 325 -7.24 -4.49 -11.18
C ALA A 325 -8.34 -3.49 -11.54
N ASN A 326 -8.69 -2.59 -10.62
CA ASN A 326 -9.77 -1.65 -10.89
C ASN A 326 -9.46 -0.29 -10.30
N ALA A 327 -9.74 0.77 -11.07
CA ALA A 327 -9.47 2.14 -10.63
C ALA A 327 -10.49 2.67 -9.61
N ALA A 328 -11.70 2.11 -9.58
CA ALA A 328 -12.74 2.64 -8.71
C ALA A 328 -13.77 1.52 -8.50
N GLY A 329 -13.50 0.67 -7.52
CA GLY A 329 -14.31 -0.49 -7.25
C GLY A 329 -15.36 -0.23 -6.19
N LEU A 330 -16.49 -0.90 -6.32
CA LEU A 330 -17.59 -0.84 -5.35
C LEU A 330 -17.44 -2.02 -4.41
N TRP A 331 -16.97 -1.76 -3.20
CA TRP A 331 -16.85 -2.78 -2.17
C TRP A 331 -18.18 -2.83 -1.42
N LEU A 332 -19.04 -3.77 -1.80
CA LEU A 332 -20.34 -3.90 -1.16
C LEU A 332 -20.20 -4.54 0.23
N ASN A 333 -20.82 -3.93 1.25
CA ASN A 333 -20.66 -4.36 2.64
C ASN A 333 -21.65 -5.48 2.96
N GLN A 334 -21.14 -6.72 3.01
CA GLN A 334 -21.94 -7.87 3.41
C GLN A 334 -22.45 -7.77 4.83
N THR A 335 -21.85 -6.93 5.67
CA THR A 335 -22.28 -6.80 7.06
C THR A 335 -22.83 -5.41 7.36
N THR A 336 -23.37 -4.72 6.36
CA THR A 336 -23.95 -3.41 6.61
C THR A 336 -24.99 -3.47 7.73
N LYS A 337 -24.95 -2.47 8.60
CA LYS A 337 -25.89 -2.37 9.71
C LYS A 337 -27.30 -2.02 9.25
N ASN A 338 -27.46 -1.56 8.01
CA ASN A 338 -28.79 -1.42 7.42
C ASN A 338 -29.30 -2.82 7.12
N GLU A 339 -30.10 -3.38 8.03
CA GLU A 339 -30.46 -4.80 7.91
C GLU A 339 -31.36 -5.05 6.71
N LYS A 340 -32.30 -4.15 6.41
CA LYS A 340 -33.14 -4.35 5.23
C LYS A 340 -32.29 -4.39 3.96
N LEU A 341 -31.24 -3.55 3.91
CA LEU A 341 -30.35 -3.58 2.76
C LEU A 341 -29.42 -4.79 2.81
N ARG A 342 -28.98 -5.20 4.00
CA ARG A 342 -28.09 -6.35 4.09
C ARG A 342 -28.73 -7.59 3.49
N LYS A 343 -30.04 -7.73 3.67
CA LYS A 343 -30.75 -8.89 3.11
C LYS A 343 -30.64 -8.94 1.59
N TYR A 344 -30.46 -7.79 0.95
CA TYR A 344 -30.22 -7.76 -0.50
C TYR A 344 -28.74 -7.85 -0.84
N MET A 345 -27.88 -7.17 -0.08
CA MET A 345 -26.45 -7.24 -0.35
CA MET A 345 -26.45 -7.24 -0.32
C MET A 345 -25.96 -8.68 -0.39
N THR A 346 -26.56 -9.57 0.40
CA THR A 346 -26.11 -10.95 0.47
C THR A 346 -26.61 -11.81 -0.69
N GLN A 347 -27.48 -11.26 -1.55
CA GLN A 347 -28.01 -12.00 -2.68
C GLN A 347 -27.12 -11.80 -3.91
N HIS A 348 -26.59 -12.90 -4.45
CA HIS A 348 -25.80 -12.83 -5.68
C HIS A 348 -26.52 -12.02 -6.76
N ASP A 349 -27.81 -12.28 -6.95
CA ASP A 349 -28.52 -11.66 -8.08
C ASP A 349 -28.69 -10.16 -7.87
N PHE A 350 -28.77 -9.71 -6.61
CA PHE A 350 -28.83 -8.28 -6.35
C PHE A 350 -27.54 -7.60 -6.79
N ARG A 351 -26.40 -8.21 -6.45
CA ARG A 351 -25.12 -7.66 -6.86
C ARG A 351 -24.98 -7.66 -8.37
N GLN A 352 -25.41 -8.76 -9.00
CA GLN A 352 -25.44 -8.85 -10.45
C GLN A 352 -26.27 -7.71 -11.05
N ALA A 353 -27.48 -7.48 -10.52
CA ALA A 353 -28.34 -6.44 -11.05
C ALA A 353 -27.70 -5.06 -10.96
N LEU A 354 -27.04 -4.76 -9.83
CA LEU A 354 -26.36 -3.46 -9.71
C LEU A 354 -25.29 -3.30 -10.77
N SER A 355 -24.57 -4.38 -11.08
CA SER A 355 -23.54 -4.32 -12.12
C SER A 355 -24.15 -4.13 -13.50
N LEU A 356 -25.27 -4.83 -13.78
CA LEU A 356 -25.90 -4.74 -15.09
C LEU A 356 -26.60 -3.40 -15.31
N ALA A 357 -26.87 -2.65 -14.23
CA ALA A 357 -27.47 -1.34 -14.35
C ALA A 357 -26.44 -0.23 -14.57
N MET A 358 -25.17 -0.58 -14.57
CA MET A 358 -24.09 0.39 -14.74
CA MET A 358 -24.10 0.40 -14.75
C MET A 358 -23.68 0.44 -16.21
N ASP A 359 -23.33 1.64 -16.67
CA ASP A 359 -22.88 1.88 -18.05
C ASP A 359 -21.39 2.23 -17.99
N ARG A 360 -20.54 1.21 -18.13
CA ARG A 360 -19.11 1.42 -17.97
C ARG A 360 -18.49 2.11 -19.17
N ASP A 361 -19.10 1.99 -20.35
CA ASP A 361 -18.63 2.77 -21.48
C ASP A 361 -18.79 4.27 -21.23
N GLU A 362 -19.92 4.66 -20.64
CA GLU A 362 -20.10 6.07 -20.32
C GLU A 362 -19.13 6.52 -19.22
N ILE A 363 -18.95 5.69 -18.18
CA ILE A 363 -17.98 6.00 -17.14
C ILE A 363 -16.60 6.20 -17.75
N ASN A 364 -16.20 5.29 -18.64
CA ASN A 364 -14.89 5.42 -19.27
C ASN A 364 -14.78 6.72 -20.05
N LYS A 365 -15.77 7.00 -20.90
CA LYS A 365 -15.73 8.19 -21.76
C LYS A 365 -15.67 9.47 -20.93
N VAL A 366 -16.56 9.60 -19.95
CA VAL A 366 -16.69 10.88 -19.23
C VAL A 366 -15.61 11.04 -18.18
N ALA A 367 -15.49 10.06 -17.27
CA ALA A 367 -14.64 10.21 -16.11
C ALA A 367 -13.19 9.85 -16.38
N TRP A 368 -12.92 9.05 -17.41
CA TRP A 368 -11.57 8.56 -17.68
C TRP A 368 -11.09 8.89 -19.09
N LEU A 369 -11.78 9.78 -19.79
CA LEU A 369 -11.36 10.28 -21.11
C LEU A 369 -11.21 9.17 -22.13
N GLY A 370 -11.91 8.04 -21.94
CA GLY A 370 -11.79 6.91 -22.84
C GLY A 370 -10.52 6.12 -22.70
N GLN A 371 -9.68 6.43 -21.71
CA GLN A 371 -8.35 5.84 -21.60
C GLN A 371 -8.29 4.67 -20.65
N ALA A 372 -9.39 4.34 -19.96
CA ALA A 372 -9.48 3.14 -19.16
C ALA A 372 -10.20 2.06 -19.97
N ALA A 373 -10.72 1.03 -19.29
CA ALA A 373 -11.51 0.01 -19.98
C ALA A 373 -12.41 -0.66 -18.97
N PRO A 374 -13.63 -1.03 -19.34
CA PRO A 374 -14.51 -1.74 -18.40
C PRO A 374 -13.83 -2.98 -17.85
N TRP A 375 -13.98 -3.21 -16.54
CA TRP A 375 -13.35 -4.35 -15.90
C TRP A 375 -14.02 -4.58 -14.56
N GLN A 376 -14.05 -5.84 -14.11
CA GLN A 376 -14.48 -6.17 -12.77
C GLN A 376 -13.29 -6.18 -11.80
N SER A 377 -13.07 -7.29 -11.11
CA SER A 377 -12.07 -7.33 -10.04
C SER A 377 -10.91 -8.28 -10.30
N GLY A 378 -10.94 -9.05 -11.38
CA GLY A 378 -9.97 -10.11 -11.56
C GLY A 378 -8.61 -9.68 -12.04
N PRO A 379 -7.61 -10.55 -11.85
CA PRO A 379 -6.27 -10.29 -12.39
C PRO A 379 -6.31 -10.08 -13.91
N PHE A 380 -5.28 -9.38 -14.38
CA PHE A 380 -5.15 -9.11 -15.81
C PHE A 380 -4.57 -10.33 -16.55
N LYS A 381 -4.71 -10.30 -17.88
CA LYS A 381 -4.05 -11.32 -18.69
C LYS A 381 -2.54 -11.17 -18.64
N GLU A 382 -2.03 -10.07 -18.10
CA GLU A 382 -0.60 -9.91 -17.87
C GLU A 382 -0.14 -10.57 -16.57
N SER A 383 -0.94 -11.48 -16.04
CA SER A 383 -0.67 -12.21 -14.80
CA SER A 383 -0.58 -12.23 -14.85
C SER A 383 -1.06 -13.66 -15.00
N LYS A 384 -0.41 -14.57 -14.27
CA LYS A 384 -0.76 -15.99 -14.35
C LYS A 384 -2.08 -16.31 -13.64
N TRP A 385 -2.67 -15.35 -12.95
CA TRP A 385 -3.90 -15.57 -12.18
C TRP A 385 -5.16 -15.17 -12.94
N TYR A 386 -5.06 -14.88 -14.23
CA TYR A 386 -6.23 -14.41 -14.98
C TYR A 386 -7.36 -15.42 -14.92
N ASN A 387 -8.56 -14.91 -14.61
CA ASN A 387 -9.78 -15.69 -14.58
C ASN A 387 -10.81 -14.91 -15.41
N GLU A 388 -11.32 -15.55 -16.47
CA GLU A 388 -12.17 -14.84 -17.41
C GLU A 388 -13.45 -14.35 -16.75
N LYS A 389 -14.09 -15.20 -15.94
CA LYS A 389 -15.33 -14.82 -15.28
C LYS A 389 -15.10 -13.68 -14.29
N LEU A 390 -14.02 -13.77 -13.50
CA LEU A 390 -13.76 -12.77 -12.48
C LEU A 390 -13.44 -11.41 -13.09
N ALA A 391 -12.90 -11.40 -14.31
CA ALA A 391 -12.56 -10.16 -14.98
C ALA A 391 -13.73 -9.55 -15.73
N THR A 392 -14.58 -10.36 -16.35
CA THR A 392 -15.47 -9.86 -17.41
C THR A 392 -16.95 -10.11 -17.20
N GLN A 393 -17.37 -10.85 -16.18
CA GLN A 393 -18.80 -11.12 -16.03
C GLN A 393 -19.57 -9.84 -15.71
N TYR A 394 -20.77 -9.73 -16.26
CA TYR A 394 -21.73 -8.68 -15.92
C TYR A 394 -21.21 -7.29 -16.26
N LEU A 395 -20.37 -7.17 -17.29
CA LEU A 395 -19.78 -5.88 -17.61
C LEU A 395 -20.68 -5.00 -18.45
N LYS A 396 -21.50 -5.59 -19.31
N LYS A 396 -21.51 -5.60 -19.30
CA LYS A 396 -22.26 -4.83 -20.28
CA LYS A 396 -22.29 -4.84 -20.27
C LYS A 396 -23.61 -4.41 -19.71
C LYS A 396 -23.61 -4.40 -19.68
N LEU A 397 -23.98 -3.16 -19.96
CA LEU A 397 -25.25 -2.62 -19.51
C LEU A 397 -26.42 -3.48 -20.02
N ASP A 398 -27.32 -3.83 -19.10
CA ASP A 398 -28.50 -4.65 -19.43
C ASP A 398 -29.59 -4.28 -18.41
N LEU A 399 -30.24 -3.15 -18.65
CA LEU A 399 -31.26 -2.66 -17.72
C LEU A 399 -32.50 -3.51 -17.72
N ALA A 400 -32.87 -4.10 -18.86
CA ALA A 400 -34.03 -4.99 -18.87
C ALA A 400 -33.81 -6.14 -17.89
N GLN A 401 -32.63 -6.76 -17.94
CA GLN A 401 -32.36 -7.86 -17.03
C GLN A 401 -32.18 -7.38 -15.60
N ALA A 402 -31.47 -6.26 -15.40
CA ALA A 402 -31.33 -5.69 -14.06
C ALA A 402 -32.69 -5.48 -13.41
N ASN A 403 -33.61 -4.86 -14.16
CA ASN A 403 -34.92 -4.55 -13.59
C ASN A 403 -35.76 -5.81 -13.38
N GLN A 404 -35.64 -6.81 -14.26
CA GLN A 404 -36.32 -8.08 -14.03
C GLN A 404 -35.80 -8.76 -12.77
N ILE A 405 -34.47 -8.75 -12.56
CA ILE A 405 -33.90 -9.34 -11.36
C ILE A 405 -34.44 -8.65 -10.13
N LEU A 406 -34.39 -7.32 -10.13
CA LEU A 406 -34.81 -6.59 -8.94
C LEU A 406 -36.28 -6.84 -8.63
N ASP A 407 -37.11 -7.01 -9.68
CA ASP A 407 -38.51 -7.39 -9.48
C ASP A 407 -38.60 -8.77 -8.83
N ARG A 408 -37.86 -9.73 -9.35
CA ARG A 408 -37.89 -11.09 -8.82
C ARG A 408 -37.42 -11.14 -7.38
N LEU A 409 -36.55 -10.22 -6.97
CA LEU A 409 -36.07 -10.17 -5.60
C LEU A 409 -37.04 -9.44 -4.68
N GLY A 410 -38.18 -8.99 -5.20
CA GLY A 410 -39.23 -8.43 -4.40
C GLY A 410 -39.24 -6.92 -4.28
N LEU A 411 -38.43 -6.21 -5.06
CA LEU A 411 -38.32 -4.75 -4.97
C LEU A 411 -39.30 -4.04 -5.91
N THR A 412 -40.56 -4.50 -5.88
CA THR A 412 -41.56 -4.01 -6.82
C THR A 412 -42.38 -2.84 -6.27
N LYS A 413 -42.40 -2.65 -4.96
CA LYS A 413 -43.16 -1.55 -4.38
C LYS A 413 -42.39 -0.25 -4.62
N ARG A 414 -43.11 0.79 -5.07
CA ARG A 414 -42.47 2.00 -5.53
C ARG A 414 -42.89 3.20 -4.68
N ASP A 415 -41.98 4.15 -4.52
CA ASP A 415 -42.33 5.39 -3.83
C ASP A 415 -42.80 6.45 -4.82
N SER A 416 -43.22 7.60 -4.29
CA SER A 416 -43.79 8.64 -5.14
C SER A 416 -42.78 9.24 -6.11
N ASP A 417 -41.48 9.09 -5.84
CA ASP A 417 -40.43 9.54 -6.74
C ASP A 417 -40.00 8.46 -7.71
N GLY A 418 -40.69 7.32 -7.74
CA GLY A 418 -40.42 6.25 -8.67
C GLY A 418 -39.40 5.22 -8.23
N TYR A 419 -38.69 5.47 -7.14
CA TYR A 419 -37.68 4.54 -6.66
C TYR A 419 -38.31 3.23 -6.17
N ARG A 420 -37.53 2.16 -6.21
CA ARG A 420 -37.95 0.92 -5.58
C ARG A 420 -37.83 1.05 -4.06
N THR A 421 -38.65 0.27 -3.36
CA THR A 421 -38.61 0.20 -1.90
C THR A 421 -38.51 -1.25 -1.46
N TYR A 422 -38.03 -1.43 -0.22
CA TYR A 422 -37.94 -2.77 0.34
C TYR A 422 -39.35 -3.34 0.57
N PRO A 423 -39.51 -4.66 0.55
CA PRO A 423 -40.85 -5.24 0.74
C PRO A 423 -41.49 -4.83 2.05
N ASP A 424 -40.69 -4.57 3.07
CA ASP A 424 -41.15 -4.12 4.38
C ASP A 424 -40.42 -2.85 4.81
N GLY A 425 -40.09 -1.99 3.84
CA GLY A 425 -39.37 -0.77 4.16
C GLY A 425 -39.51 0.30 3.11
N GLY A 426 -38.59 1.27 3.17
CA GLY A 426 -38.62 2.43 2.32
C GLY A 426 -37.67 2.33 1.13
N ARG A 427 -37.22 3.48 0.67
CA ARG A 427 -36.44 3.56 -0.57
C ARG A 427 -35.17 2.72 -0.48
N VAL A 428 -34.89 1.99 -1.55
CA VAL A 428 -33.62 1.27 -1.66
C VAL A 428 -32.52 2.30 -1.89
N SER A 429 -31.71 2.53 -0.85
CA SER A 429 -30.79 3.66 -0.83
C SER A 429 -29.47 3.17 -0.26
N LEU A 430 -28.39 3.30 -1.03
CA LEU A 430 -27.09 2.75 -0.67
C LEU A 430 -26.11 3.89 -0.41
N ASP A 431 -25.52 3.90 0.79
CA ASP A 431 -24.57 4.93 1.19
C ASP A 431 -23.16 4.49 0.80
N ALA A 432 -22.51 5.26 -0.08
CA ALA A 432 -21.19 4.91 -0.62
C ALA A 432 -20.16 5.89 -0.09
N ILE A 433 -19.23 5.38 0.72
CA ILE A 433 -18.17 6.22 1.26
C ILE A 433 -17.03 6.29 0.26
N VAL A 434 -16.45 7.49 0.13
CA VAL A 434 -15.40 7.73 -0.84
C VAL A 434 -14.56 8.88 -0.31
N MET A 435 -13.29 8.91 -0.71
CA MET A 435 -12.42 10.02 -0.38
CA MET A 435 -12.41 10.02 -0.40
C MET A 435 -12.73 11.17 -1.34
N ILE A 436 -13.18 12.29 -0.79
CA ILE A 436 -13.67 13.38 -1.62
C ILE A 436 -12.58 13.98 -2.51
N ASP A 437 -11.32 13.84 -2.13
CA ASP A 437 -10.25 14.39 -2.95
C ASP A 437 -9.94 13.54 -4.18
N ARG A 438 -10.49 12.32 -4.26
N ARG A 438 -10.46 12.31 -4.25
CA ARG A 438 -10.27 11.45 -5.40
CA ARG A 438 -10.25 11.45 -5.42
C ARG A 438 -11.37 11.73 -6.43
C ARG A 438 -11.36 11.73 -6.42
N GLN A 439 -11.13 12.78 -7.22
CA GLN A 439 -12.22 13.35 -8.01
C GLN A 439 -12.67 12.45 -9.16
N ALA A 440 -11.79 11.60 -9.69
CA ALA A 440 -12.24 10.67 -10.72
C ALA A 440 -13.11 9.57 -10.13
N MET A 441 -12.83 9.16 -8.89
CA MET A 441 -13.73 8.24 -8.21
C MET A 441 -15.06 8.90 -7.91
N VAL A 442 -15.04 10.16 -7.47
CA VAL A 442 -16.29 10.87 -7.17
C VAL A 442 -17.13 11.04 -8.44
N GLN A 443 -16.49 11.42 -9.55
CA GLN A 443 -17.23 11.58 -10.80
C GLN A 443 -17.80 10.25 -11.26
N THR A 444 -17.04 9.17 -11.13
CA THR A 444 -17.55 7.84 -11.42
C THR A 444 -18.81 7.55 -10.62
N LEU A 445 -18.81 7.88 -9.33
CA LEU A 445 -19.99 7.68 -8.50
C LEU A 445 -21.16 8.54 -8.95
N GLU A 446 -20.90 9.78 -9.38
CA GLU A 446 -22.00 10.63 -9.83
C GLU A 446 -22.65 10.03 -11.07
N LEU A 447 -21.86 9.44 -11.95
CA LEU A 447 -22.41 8.78 -13.12
C LEU A 447 -23.21 7.54 -12.75
N ILE A 448 -22.69 6.72 -11.83
CA ILE A 448 -23.44 5.56 -11.36
C ILE A 448 -24.75 5.97 -10.69
N ARG A 449 -24.72 7.06 -9.92
CA ARG A 449 -25.94 7.54 -9.27
C ARG A 449 -27.04 7.80 -10.30
N ARG A 450 -26.71 8.50 -11.39
CA ARG A 450 -27.70 8.74 -12.43
C ARG A 450 -28.11 7.46 -13.13
N GLN A 451 -27.15 6.57 -13.39
CA GLN A 451 -27.45 5.31 -14.08
C GLN A 451 -28.36 4.42 -13.23
N TRP A 452 -28.11 4.34 -11.93
CA TRP A 452 -28.91 3.47 -11.08
C TRP A 452 -30.33 4.00 -10.89
N GLN A 453 -30.57 5.29 -11.14
CA GLN A 453 -31.95 5.78 -11.09
C GLN A 453 -32.83 5.03 -12.05
N LYS A 454 -32.28 4.59 -13.18
CA LYS A 454 -33.06 3.82 -14.14
C LYS A 454 -33.45 2.46 -13.59
N ALA A 455 -32.70 1.95 -12.62
CA ALA A 455 -33.08 0.73 -11.90
C ALA A 455 -33.91 1.04 -10.65
N GLY A 456 -34.23 2.31 -10.42
CA GLY A 456 -34.98 2.65 -9.22
C GLY A 456 -34.20 2.52 -7.93
N VAL A 457 -32.88 2.63 -7.99
CA VAL A 457 -32.02 2.49 -6.83
C VAL A 457 -31.31 3.82 -6.60
N GLU A 458 -31.29 4.27 -5.34
CA GLU A 458 -30.68 5.54 -4.96
C GLU A 458 -29.27 5.29 -4.43
N LEU A 459 -28.28 5.91 -5.06
CA LEU A 459 -26.91 5.91 -4.56
C LEU A 459 -26.66 7.24 -3.88
N VAL A 460 -26.22 7.20 -2.63
CA VAL A 460 -25.94 8.40 -1.85
C VAL A 460 -24.42 8.49 -1.67
N ILE A 461 -23.83 9.58 -2.16
CA ILE A 461 -22.39 9.76 -2.15
C ILE A 461 -21.98 10.40 -0.83
N LYS A 462 -21.14 9.70 -0.08
CA LYS A 462 -20.67 10.16 1.23
C LYS A 462 -19.16 10.44 1.13
N GLY A 463 -18.81 11.57 0.52
CA GLY A 463 -17.40 11.92 0.37
C GLY A 463 -16.87 12.63 1.61
N SER A 464 -15.65 12.29 2.00
CA SER A 464 -15.07 12.93 3.18
C SER A 464 -13.56 12.91 3.06
N GLU A 465 -12.91 13.50 4.05
CA GLU A 465 -11.46 13.41 4.20
C GLU A 465 -11.07 12.02 4.73
N ARG A 466 -9.76 11.79 4.79
CA ARG A 466 -9.25 10.44 5.02
C ARG A 466 -9.70 9.88 6.37
N SER A 467 -9.59 10.69 7.42
CA SER A 467 -9.86 10.16 8.76
C SER A 467 -11.30 9.69 8.90
N LEU A 468 -12.24 10.44 8.32
CA LEU A 468 -13.64 10.04 8.43
C LEU A 468 -13.92 8.83 7.54
N PHE A 469 -13.29 8.77 6.37
CA PHE A 469 -13.43 7.63 5.47
C PHE A 469 -12.98 6.35 6.16
N TYR A 470 -11.79 6.38 6.78
CA TYR A 470 -11.30 5.18 7.45
C TYR A 470 -12.07 4.87 8.74
N ASN A 471 -12.48 5.89 9.48
CA ASN A 471 -13.24 5.61 10.71
C ASN A 471 -14.62 5.04 10.39
N ARG A 472 -15.26 5.51 9.31
CA ARG A 472 -16.50 4.88 8.88
C ARG A 472 -16.26 3.41 8.53
N ALA A 473 -15.16 3.12 7.83
CA ALA A 473 -14.91 1.74 7.43
C ALA A 473 -14.68 0.84 8.63
N THR A 474 -13.81 1.24 9.54
CA THR A 474 -13.51 0.37 10.68
C THR A 474 -14.71 0.22 11.59
N ALA A 475 -15.61 1.20 11.60
CA ALA A 475 -16.82 1.11 12.38
C ALA A 475 -17.93 0.33 11.67
N ASN A 476 -17.64 -0.24 10.50
CA ASN A 476 -18.62 -1.00 9.73
C ASN A 476 -19.82 -0.13 9.34
N ASP A 477 -19.55 1.15 9.08
CA ASP A 477 -20.57 2.16 8.88
C ASP A 477 -20.55 2.66 7.44
N TYR A 478 -21.01 1.80 6.53
CA TYR A 478 -21.09 2.09 5.10
C TYR A 478 -21.85 0.96 4.44
N ASP A 479 -22.44 1.26 3.28
CA ASP A 479 -23.04 0.21 2.46
C ASP A 479 -22.13 -0.19 1.32
N ILE A 480 -21.45 0.78 0.72
CA ILE A 480 -20.43 0.55 -0.28
C ILE A 480 -19.25 1.41 0.11
N SER A 481 -18.04 0.88 -0.08
CA SER A 481 -16.82 1.67 0.02
C SER A 481 -16.15 1.70 -1.34
N ILE A 482 -15.68 2.87 -1.74
CA ILE A 482 -15.14 3.08 -3.08
C ILE A 482 -13.64 3.28 -2.99
N ASP A 483 -12.88 2.40 -3.63
CA ASP A 483 -11.43 2.52 -3.74
C ASP A 483 -10.98 1.49 -4.76
N VAL A 484 -9.68 1.45 -5.04
CA VAL A 484 -9.17 0.52 -6.03
C VAL A 484 -9.45 -0.93 -5.60
N PHE A 485 -9.50 -1.83 -6.60
CA PHE A 485 -9.32 -3.24 -6.34
C PHE A 485 -7.87 -3.58 -6.68
N PRO A 486 -7.09 -4.11 -5.76
CA PRO A 486 -5.74 -4.58 -6.11
C PRO A 486 -5.84 -5.92 -6.84
N GLY A 487 -4.70 -6.36 -7.37
CA GLY A 487 -4.58 -7.71 -7.87
C GLY A 487 -4.47 -7.85 -9.37
N GLY A 488 -4.47 -6.75 -10.12
CA GLY A 488 -4.29 -6.84 -11.56
C GLY A 488 -3.02 -7.58 -11.94
N LEU A 489 -1.91 -7.21 -11.30
CA LEU A 489 -0.61 -7.77 -11.64
C LEU A 489 -0.08 -8.81 -10.65
N ASP A 490 -0.40 -8.69 -9.35
CA ASP A 490 0.01 -9.71 -8.39
C ASP A 490 -1.09 -9.93 -7.35
N ALA A 491 -1.99 -10.85 -7.68
CA ALA A 491 -3.11 -11.12 -6.80
C ALA A 491 -2.67 -11.73 -5.48
N THR A 492 -1.56 -12.48 -5.46
CA THR A 492 -1.18 -13.16 -4.22
C THR A 492 -0.56 -12.19 -3.20
N LEU A 493 0.04 -11.09 -3.66
CA LEU A 493 0.57 -10.09 -2.73
C LEU A 493 -0.56 -9.37 -2.01
N ASN A 494 -1.66 -9.10 -2.72
CA ASN A 494 -2.79 -8.35 -2.19
C ASN A 494 -4.07 -9.04 -2.63
N PRO A 495 -4.50 -10.06 -1.89
CA PRO A 495 -5.69 -10.81 -2.30
C PRO A 495 -6.98 -10.29 -1.69
N ARG A 496 -6.97 -9.05 -1.18
CA ARG A 496 -8.04 -8.58 -0.31
C ARG A 496 -9.38 -8.41 -1.01
N ALA A 497 -9.42 -8.30 -2.34
CA ALA A 497 -10.71 -8.27 -3.03
C ALA A 497 -11.33 -9.65 -3.20
N TYR A 498 -10.57 -10.72 -2.95
CA TYR A 498 -11.04 -12.08 -3.19
C TYR A 498 -11.33 -12.84 -1.92
N VAL A 499 -10.74 -12.43 -0.80
CA VAL A 499 -10.92 -13.09 0.49
C VAL A 499 -10.69 -12.04 1.57
N ALA A 500 -11.50 -12.07 2.62
CA ALA A 500 -11.55 -10.99 3.61
C ALA A 500 -10.46 -11.20 4.67
N VAL A 501 -9.23 -10.82 4.30
CA VAL A 501 -8.08 -11.01 5.18
C VAL A 501 -7.39 -9.71 5.58
N HIS A 502 -7.75 -8.59 4.98
CA HIS A 502 -7.08 -7.34 5.30
C HIS A 502 -7.95 -6.56 6.29
N PRO A 503 -7.38 -6.16 7.43
CA PRO A 503 -8.21 -5.57 8.51
C PRO A 503 -8.82 -4.22 8.18
N LEU A 504 -8.23 -3.45 7.25
CA LEU A 504 -8.74 -2.14 6.90
C LEU A 504 -9.31 -2.06 5.49
N GLU A 505 -8.93 -2.97 4.60
CA GLU A 505 -9.24 -2.82 3.19
C GLU A 505 -10.05 -3.94 2.55
N SER A 506 -10.31 -5.05 3.26
CA SER A 506 -11.19 -6.09 2.73
C SER A 506 -12.65 -5.69 3.00
N ARG A 507 -13.09 -4.69 2.26
CA ARG A 507 -14.31 -3.99 2.66
C ARG A 507 -15.60 -4.66 2.20
N MET A 508 -15.54 -5.86 1.61
CA MET A 508 -16.74 -6.67 1.55
C MET A 508 -17.25 -6.97 2.96
N SER A 509 -16.34 -6.98 3.95
CA SER A 509 -16.70 -6.85 5.36
C SER A 509 -15.45 -6.85 6.21
N LEU A 510 -15.15 -5.73 6.85
CA LEU A 510 -14.06 -5.70 7.82
C LEU A 510 -14.39 -6.51 9.06
N GLU A 511 -15.67 -6.77 9.32
CA GLU A 511 -16.05 -7.63 10.44
C GLU A 511 -15.73 -9.08 10.13
N TRP A 512 -15.94 -9.50 8.87
CA TRP A 512 -15.46 -10.80 8.44
C TRP A 512 -13.94 -10.89 8.55
N ALA A 513 -13.23 -9.82 8.14
CA ALA A 513 -11.78 -9.81 8.23
C ALA A 513 -11.32 -9.92 9.69
N LYS A 514 -12.02 -9.24 10.61
CA LYS A 514 -11.69 -9.31 12.03
C LYS A 514 -11.89 -10.73 12.55
N TRP A 515 -12.90 -11.43 12.05
CA TRP A 515 -13.12 -12.84 12.40
C TRP A 515 -11.95 -13.69 11.91
N TYR A 516 -11.56 -13.52 10.64
CA TYR A 516 -10.42 -14.27 10.12
C TYR A 516 -9.18 -14.04 10.97
N LEU A 517 -8.85 -12.76 11.22
CA LEU A 517 -7.59 -12.43 11.86
C LEU A 517 -7.54 -12.86 13.32
N SER A 518 -8.68 -13.00 13.98
CA SER A 518 -8.75 -13.40 15.37
C SER A 518 -9.03 -14.88 15.54
N GLY A 519 -9.01 -15.66 14.47
CA GLY A 519 -9.35 -17.07 14.58
C GLY A 519 -10.78 -17.29 15.04
N GLY A 520 -11.69 -16.42 14.62
CA GLY A 520 -13.10 -16.57 14.93
C GLY A 520 -13.53 -16.03 16.28
N LYS A 521 -12.62 -15.43 17.04
CA LYS A 521 -12.97 -14.94 18.38
C LYS A 521 -13.78 -13.65 18.33
N GLN A 522 -13.47 -12.76 17.39
CA GLN A 522 -14.10 -11.46 17.29
C GLN A 522 -14.71 -11.29 15.90
N GLY A 523 -15.31 -10.13 15.68
CA GLY A 523 -15.90 -9.84 14.38
C GLY A 523 -17.23 -10.56 14.18
N ILE A 524 -17.53 -10.83 12.91
CA ILE A 524 -18.77 -11.49 12.51
C ILE A 524 -18.41 -12.70 11.67
N GLU A 525 -19.00 -13.86 11.99
CA GLU A 525 -18.70 -15.08 11.27
C GLU A 525 -19.11 -14.96 9.82
N PRO A 526 -18.21 -15.17 8.86
CA PRO A 526 -18.57 -15.00 7.45
C PRO A 526 -19.48 -16.13 6.97
N ASN A 527 -20.01 -15.94 5.77
CA ASN A 527 -20.80 -16.98 5.16
C ASN A 527 -19.91 -18.15 4.77
N GLU A 528 -20.58 -19.21 4.31
CA GLU A 528 -19.90 -20.47 4.03
C GLU A 528 -18.85 -20.32 2.92
N SER A 529 -19.19 -19.58 1.85
CA SER A 529 -18.25 -19.42 0.74
C SER A 529 -17.01 -18.64 1.15
N MET A 530 -17.15 -17.67 2.05
CA MET A 530 -16.00 -16.91 2.50
C MET A 530 -15.15 -17.71 3.48
N LYS A 531 -15.80 -18.48 4.37
CA LYS A 531 -15.02 -19.36 5.24
C LYS A 531 -14.21 -20.36 4.43
N LYS A 532 -14.78 -20.85 3.33
CA LYS A 532 -14.05 -21.78 2.48
C LYS A 532 -12.83 -21.10 1.85
N ARG A 533 -13.00 -19.85 1.39
CA ARG A 533 -11.87 -19.13 0.81
C ARG A 533 -10.81 -18.80 1.85
N MET A 534 -11.22 -18.56 3.10
CA MET A 534 -10.25 -18.27 4.15
C MET A 534 -9.43 -19.51 4.46
N ALA A 535 -10.07 -20.67 4.51
CA ALA A 535 -9.35 -21.92 4.72
C ALA A 535 -8.43 -22.20 3.55
N LEU A 536 -8.89 -21.96 2.32
CA LEU A 536 -8.03 -22.14 1.16
C LEU A 536 -6.87 -21.16 1.18
N TYR A 537 -7.12 -19.93 1.65
CA TYR A 537 -6.05 -18.96 1.75
C TYR A 537 -4.97 -19.45 2.71
N ASP A 538 -5.36 -19.99 3.85
CA ASP A 538 -4.37 -20.52 4.78
C ASP A 538 -3.62 -21.70 4.17
N GLN A 539 -4.32 -22.55 3.42
CA GLN A 539 -3.65 -23.64 2.70
C GLN A 539 -2.67 -23.09 1.66
N PHE A 540 -3.08 -22.03 0.95
CA PHE A 540 -2.19 -21.42 -0.04
C PHE A 540 -0.93 -20.86 0.60
N VAL A 541 -1.08 -20.10 1.69
CA VAL A 541 0.10 -19.54 2.34
C VAL A 541 1.05 -20.64 2.81
N ALA A 542 0.48 -21.78 3.22
CA ALA A 542 1.25 -22.90 3.75
C ALA A 542 1.62 -23.93 2.71
N ALA A 543 1.41 -23.65 1.42
CA ALA A 543 1.64 -24.66 0.39
C ALA A 543 3.09 -25.10 0.37
N LYS A 544 3.31 -26.38 0.15
CA LYS A 544 4.67 -26.89 0.14
C LYS A 544 5.38 -26.68 -1.19
N THR A 545 4.64 -26.52 -2.28
CA THR A 545 5.24 -26.35 -3.59
C THR A 545 4.49 -25.27 -4.35
N GLN A 546 5.18 -24.72 -5.35
CA GLN A 546 4.58 -23.68 -6.17
CA GLN A 546 4.60 -23.69 -6.20
C GLN A 546 3.37 -24.21 -6.93
N SER A 547 3.41 -25.48 -7.37
CA SER A 547 2.27 -26.04 -8.10
C SER A 547 1.04 -26.19 -7.20
N GLN A 548 1.24 -26.59 -5.94
CA GLN A 548 0.12 -26.64 -5.02
C GLN A 548 -0.43 -25.26 -4.74
N ALA A 549 0.45 -24.28 -4.55
CA ALA A 549 -0.01 -22.91 -4.32
C ALA A 549 -0.84 -22.41 -5.47
N LEU A 550 -0.45 -22.75 -6.70
CA LEU A 550 -1.19 -22.32 -7.89
C LEU A 550 -2.62 -22.83 -7.85
N SER A 551 -2.79 -24.14 -7.61
CA SER A 551 -4.13 -24.72 -7.62
C SER A 551 -5.00 -24.13 -6.51
N LEU A 552 -4.44 -23.99 -5.31
CA LEU A 552 -5.22 -23.49 -4.18
C LEU A 552 -5.67 -22.04 -4.41
N PHE A 553 -4.75 -21.19 -4.87
CA PHE A 553 -5.12 -19.80 -5.05
C PHE A 553 -6.13 -19.62 -6.18
N LYS A 554 -6.00 -20.41 -7.26
CA LYS A 554 -6.99 -20.36 -8.33
C LYS A 554 -8.39 -20.72 -7.81
N GLN A 555 -8.46 -21.66 -6.86
CA GLN A 555 -9.76 -22.00 -6.28
C GLN A 555 -10.38 -20.82 -5.56
N ILE A 556 -9.57 -20.06 -4.83
CA ILE A 556 -10.08 -18.86 -4.16
C ILE A 556 -10.70 -17.92 -5.19
N LEU A 557 -9.98 -17.69 -6.29
CA LEU A 557 -10.47 -16.78 -7.32
CA LEU A 557 -10.49 -16.77 -7.29
C LEU A 557 -11.74 -17.30 -7.97
N GLN A 558 -11.81 -18.62 -8.19
N GLN A 558 -11.87 -18.62 -8.16
CA GLN A 558 -13.02 -19.25 -8.74
CA GLN A 558 -13.08 -19.12 -8.79
C GLN A 558 -14.23 -18.96 -7.86
C GLN A 558 -14.29 -19.00 -7.87
N ILE A 559 -14.09 -19.19 -6.56
CA ILE A 559 -15.21 -18.95 -5.63
C ILE A 559 -15.56 -17.47 -5.60
N SER A 560 -14.55 -16.61 -5.58
CA SER A 560 -14.80 -15.17 -5.64
C SER A 560 -15.57 -14.81 -6.90
N ALA A 561 -15.22 -15.42 -8.04
CA ALA A 561 -15.97 -15.15 -9.26
C ALA A 561 -17.42 -15.62 -9.14
N ASP A 562 -17.63 -16.80 -8.57
CA ASP A 562 -18.99 -17.29 -8.41
C ASP A 562 -19.81 -16.36 -7.52
N GLU A 563 -19.19 -15.85 -6.46
CA GLU A 563 -19.94 -15.00 -5.51
C GLU A 563 -20.20 -13.60 -6.03
N PHE A 564 -19.30 -13.04 -6.83
CA PHE A 564 -19.45 -11.67 -7.34
C PHE A 564 -19.79 -10.68 -6.22
N GLU A 565 -18.85 -10.56 -5.28
CA GLU A 565 -19.07 -9.76 -4.08
C GLU A 565 -18.79 -8.29 -4.27
N VAL A 566 -17.91 -7.95 -5.19
CA VAL A 566 -17.47 -6.57 -5.39
C VAL A 566 -17.56 -6.28 -6.88
N ILE A 567 -17.91 -5.03 -7.20
CA ILE A 567 -18.29 -4.64 -8.55
C ILE A 567 -17.28 -3.62 -9.05
N GLY A 568 -16.64 -3.91 -10.18
CA GLY A 568 -15.68 -2.99 -10.74
C GLY A 568 -16.32 -2.00 -11.70
N THR A 569 -15.62 -0.89 -11.93
CA THR A 569 -16.03 0.05 -12.96
C THR A 569 -15.09 -0.07 -14.17
N VAL A 570 -13.88 0.46 -14.05
CA VAL A 570 -12.89 0.40 -15.11
C VAL A 570 -11.57 -0.03 -14.51
N ARG A 571 -10.79 -0.79 -15.29
CA ARG A 571 -9.41 -1.01 -14.93
C ARG A 571 -8.62 0.28 -15.18
N PRO A 572 -7.50 0.48 -14.49
CA PRO A 572 -6.82 1.77 -14.56
C PRO A 572 -6.41 2.19 -15.97
N ALA A 573 -6.55 3.48 -16.24
CA ALA A 573 -5.80 4.10 -17.32
C ALA A 573 -4.31 4.15 -16.94
N VAL A 574 -3.49 4.56 -17.89
CA VAL A 574 -2.08 4.77 -17.63
C VAL A 574 -1.93 5.73 -16.44
N ILE A 575 -0.93 5.47 -15.60
CA ILE A 575 -0.63 6.33 -14.45
C ILE A 575 0.45 7.30 -14.89
N SER A 576 0.12 8.59 -14.98
CA SER A 576 1.05 9.57 -15.52
C SER A 576 1.93 10.13 -14.40
N SER A 577 3.23 9.94 -14.53
CA SER A 577 4.21 10.42 -13.57
C SER A 577 5.16 11.36 -14.29
N LEU A 578 5.93 12.15 -13.53
CA LEU A 578 6.89 13.05 -14.15
C LEU A 578 8.21 13.07 -13.39
N HIS A 579 9.29 13.36 -14.13
CA HIS A 579 10.54 13.72 -13.52
C HIS A 579 11.18 14.85 -14.32
N SER A 580 11.92 15.71 -13.62
CA SER A 580 12.66 16.79 -14.27
CA SER A 580 12.60 16.79 -14.31
C SER A 580 13.58 16.22 -15.33
N LEU A 581 13.79 16.99 -16.41
CA LEU A 581 14.69 16.56 -17.47
C LEU A 581 16.11 16.35 -16.96
N LYS A 582 16.48 17.03 -15.88
CA LYS A 582 17.82 16.91 -15.33
C LYS A 582 17.96 15.77 -14.34
N LEU A 583 16.87 15.14 -13.94
CA LEU A 583 16.95 14.04 -12.96
C LEU A 583 17.13 12.73 -13.71
N GLN A 584 18.24 12.06 -13.43
CA GLN A 584 18.64 10.84 -14.11
C GLN A 584 18.37 9.63 -13.22
N ASN A 585 18.30 8.47 -13.87
CA ASN A 585 18.21 7.16 -13.23
C ASN A 585 16.82 6.83 -12.69
N VAL A 586 15.79 7.49 -13.17
CA VAL A 586 14.42 7.12 -12.84
C VAL A 586 13.98 6.04 -13.81
N ASN A 587 13.54 4.91 -13.27
CA ASN A 587 13.08 3.81 -14.12
C ASN A 587 11.70 4.17 -14.65
N GLU A 588 11.64 4.64 -15.90
CA GLU A 588 10.37 5.02 -16.49
C GLU A 588 9.50 3.83 -16.87
N LYS A 589 10.02 2.62 -16.75
CA LYS A 589 9.27 1.41 -17.09
C LYS A 589 8.65 0.73 -15.88
N MET A 590 8.87 1.24 -14.68
CA MET A 590 8.42 0.54 -13.49
C MET A 590 6.89 0.56 -13.39
N PRO A 591 6.28 -0.52 -12.90
CA PRO A 591 4.85 -0.49 -12.61
C PRO A 591 4.57 0.46 -11.46
N PHE A 592 3.28 0.73 -11.26
CA PHE A 592 2.82 1.61 -10.19
C PHE A 592 2.10 0.78 -9.15
N GLY A 593 2.44 0.98 -7.88
CA GLY A 593 1.73 0.27 -6.84
C GLY A 593 2.30 0.40 -5.44
N TRP A 594 1.40 0.37 -4.46
CA TRP A 594 1.82 0.40 -3.06
C TRP A 594 2.68 -0.79 -2.62
N PRO A 595 2.41 -2.04 -3.05
CA PRO A 595 3.28 -3.15 -2.59
C PRO A 595 4.72 -3.02 -3.01
N TYR A 596 5.00 -2.16 -3.99
CA TYR A 596 6.36 -1.86 -4.45
C TYR A 596 6.80 -0.48 -4.01
N ALA A 597 5.94 0.25 -3.29
CA ALA A 597 6.23 1.58 -2.76
C ALA A 597 6.70 2.55 -3.85
N THR A 598 6.07 2.49 -5.01
CA THR A 598 6.56 3.30 -6.12
C THR A 598 6.30 4.79 -5.85
N PRO A 599 7.19 5.69 -6.29
CA PRO A 599 8.35 5.48 -7.18
C PRO A 599 9.63 4.94 -6.55
N SER A 600 9.65 4.67 -5.24
CA SER A 600 10.90 4.27 -4.60
C SER A 600 11.40 2.90 -5.08
N LEU A 601 10.55 2.11 -5.72
CA LEU A 601 11.00 0.89 -6.39
C LEU A 601 12.23 1.15 -7.22
N SER A 602 12.29 2.31 -7.88
CA SER A 602 13.36 2.72 -8.77
C SER A 602 14.68 3.05 -8.06
N LEU A 603 14.79 2.87 -6.74
CA LEU A 603 16.03 3.11 -5.99
C LEU A 603 16.43 4.58 -5.99
N PRO A 604 15.71 5.41 -5.24
CA PRO A 604 16.00 6.86 -5.24
C PRO A 604 17.40 7.22 -4.80
N GLN A 605 18.06 6.34 -4.05
CA GLN A 605 19.45 6.57 -3.65
C GLN A 605 20.40 6.64 -4.82
N GLN A 606 19.99 6.20 -6.02
CA GLN A 606 20.84 6.35 -7.20
C GLN A 606 20.28 7.34 -8.23
N TRP A 607 19.18 8.02 -7.93
CA TRP A 607 18.80 9.18 -8.74
C TRP A 607 19.88 10.26 -8.58
N TYR A 608 20.09 11.03 -9.64
CA TYR A 608 21.06 12.12 -9.54
C TYR A 608 20.72 13.16 -10.60
N PHE A 609 21.32 14.34 -10.44
CA PHE A 609 21.12 15.44 -11.37
C PHE A 609 22.29 15.51 -12.34
N SER A 610 21.98 15.51 -13.64
CA SER A 610 23.01 15.76 -14.64
C SER A 610 23.48 17.20 -14.59
N LYS A 611 22.59 18.13 -14.23
CA LYS A 611 22.93 19.52 -14.05
C LYS A 611 21.97 20.11 -13.02
N LEU A 612 22.46 21.07 -12.25
CA LEU A 612 21.62 21.73 -11.25
C LEU A 612 21.03 23.00 -11.85
N GLU A 613 19.70 23.10 -11.84
CA GLU A 613 18.95 24.11 -12.57
C GLU A 613 19.30 24.15 -14.05
CA CA B . 39.40 17.25 3.00
CA CA C . 13.17 -27.45 10.21
CA CA D . -29.31 -16.18 -10.45
CA CA E . 7.18 -13.92 -8.52
CA CA F . -6.15 -15.67 -22.66
CA CA G . 8.35 -16.91 -3.09
O1 MES H . -4.96 0.86 0.74
C2 MES H . -3.62 0.65 0.32
C3 MES H . -3.45 0.75 -1.19
N4 MES H . -4.39 1.75 -1.67
C5 MES H . -5.81 1.47 -1.47
C6 MES H . -5.95 0.56 -0.25
C7 MES H . -4.09 2.46 -2.92
C8 MES H . -2.58 2.49 -3.12
S MES H . -2.18 2.84 -4.71
O1S MES H . -0.73 3.15 -4.79
O2S MES H . -2.48 1.66 -5.53
O3S MES H . -2.95 4.02 -5.20
O1 MES I . -3.78 8.95 -5.50
C2 MES I . -4.08 9.20 -4.15
C3 MES I . -2.88 8.92 -3.26
N4 MES I . -2.36 7.58 -3.56
C5 MES I . -2.33 7.09 -4.93
C6 MES I . -3.54 7.55 -5.71
C7 MES I . -1.19 7.20 -2.78
C8 MES I . -1.67 6.60 -1.46
S MES I . -0.33 6.20 -0.54
O1S MES I . -0.74 6.35 0.89
O2S MES I . 0.06 4.80 -0.79
O3S MES I . 0.78 7.11 -0.87
#